data_8KDZ
#
_entry.id   8KDZ
#
_cell.length_a   51.648
_cell.length_b   60.722
_cell.length_c   184.360
_cell.angle_alpha   90.000
_cell.angle_beta   90.000
_cell.angle_gamma   90.000
#
_symmetry.space_group_name_H-M   'P 2 21 21'
#
loop_
_entity.id
_entity.type
_entity.pdbx_description
1 polymer methyltransferase
2 non-polymer S-ADENOSYL-L-HOMOCYSTEINE
3 non-polymer '2-phenylethyl (2E)-3-(3,4-dihydroxyphenyl)prop-2-enoate'
4 water water
#
_entity_poly.entity_id   1
_entity_poly.type   'polypeptide(L)'
_entity_poly.pdbx_seq_one_letter_code
;HHHHHHSSGLVPRGSHMASGTGSQGETLGEKWKKKLNQLSRKEFDLYKKSGITEVDRTEAKEGLKRGETTHHAVSRGSAK
LQWFVERNMVIPEGRVIDLGCGRGGWSYYCAGLKKVTEVRGYTKGGPGHEEPVPMSTYGWNIVKLMSGKDVFYLPPEKCD
TLLCDIGESSPSPTVEESRTIRVLKMVEPWLKNNQFCIKVLNPYMPTVIEHLERLQRKHGGMLVRNPLSRNSTHEMYWIS
NGTGNIVSSVNMVSRLLLNRFTMTHRRPTIEKDVDLGAGTRHVN
;
_entity_poly.pdbx_strand_id   A,B
#
loop_
_chem_comp.id
_chem_comp.type
_chem_comp.name
_chem_comp.formula
QAP non-polymer '2-phenylethyl (2E)-3-(3,4-dihydroxyphenyl)prop-2-enoate' 'C17 H16 O4'
SAH non-polymer S-ADENOSYL-L-HOMOCYSTEINE 'C14 H20 N6 O5 S'
#
# COMPACT_ATOMS: atom_id res chain seq x y z
N GLU A 26 15.95 -27.18 7.99
CA GLU A 26 14.58 -27.26 7.42
C GLU A 26 13.53 -27.33 8.53
N THR A 27 12.45 -26.57 8.33
CA THR A 27 11.41 -26.46 9.34
C THR A 27 10.49 -27.68 9.30
N LEU A 28 9.76 -27.86 10.41
CA LEU A 28 8.74 -28.89 10.45
C LEU A 28 7.64 -28.60 9.43
N GLY A 29 7.30 -27.32 9.30
CA GLY A 29 6.30 -26.92 8.33
C GLY A 29 6.73 -27.25 6.91
N GLU A 30 8.03 -27.19 6.62
CA GLU A 30 8.48 -27.42 5.27
C GLU A 30 8.33 -28.90 4.93
N LYS A 31 8.60 -29.77 5.90
CA LYS A 31 8.40 -31.20 5.72
C LYS A 31 6.92 -31.50 5.48
N TRP A 32 6.06 -30.85 6.27
CA TRP A 32 4.62 -30.96 6.09
C TRP A 32 4.22 -30.62 4.64
N LYS A 33 4.72 -29.49 4.15
CA LYS A 33 4.38 -29.03 2.82
C LYS A 33 4.76 -30.07 1.76
N LYS A 34 5.99 -30.60 1.86
CA LYS A 34 6.46 -31.55 0.87
C LYS A 34 5.60 -32.81 0.86
N LYS A 35 5.22 -33.26 2.06
CA LYS A 35 4.34 -34.40 2.22
C LYS A 35 2.97 -34.08 1.61
N LEU A 36 2.48 -32.86 1.86
CA LEU A 36 1.18 -32.49 1.33
C LEU A 36 1.18 -32.48 -0.20
N ASN A 37 2.27 -31.98 -0.77
CA ASN A 37 2.39 -31.86 -2.23
C ASN A 37 2.45 -33.22 -2.90
N GLN A 38 2.89 -34.30 -2.19
CA GLN A 38 2.99 -35.61 -2.83
C GLN A 38 1.66 -36.37 -2.77
N LEU A 39 0.64 -35.83 -2.09
CA LEU A 39 -0.61 -36.58 -1.98
C LEU A 39 -1.35 -36.62 -3.31
N SER A 40 -2.04 -37.73 -3.52
CA SER A 40 -2.99 -37.86 -4.61
C SER A 40 -4.17 -36.97 -4.28
N ARG A 41 -4.98 -36.62 -5.29
CA ARG A 41 -6.15 -35.82 -5.01
C ARG A 41 -7.10 -36.54 -4.06
N LYS A 42 -7.20 -37.87 -4.18
CA LYS A 42 -7.97 -38.69 -3.26
C LYS A 42 -7.46 -38.48 -1.82
N GLU A 43 -6.18 -38.80 -1.58
CA GLU A 43 -5.51 -38.65 -0.29
C GLU A 43 -5.65 -37.23 0.26
N PHE A 44 -5.49 -36.23 -0.61
CA PHE A 44 -5.64 -34.83 -0.24
C PHE A 44 -7.04 -34.53 0.27
N ASP A 45 -8.08 -35.03 -0.42
CA ASP A 45 -9.43 -34.67 -0.08
C ASP A 45 -9.81 -35.25 1.28
N LEU A 46 -9.37 -36.47 1.55
CA LEU A 46 -9.54 -37.09 2.85
C LEU A 46 -8.75 -36.34 3.92
N TYR A 47 -7.51 -36.01 3.56
CA TYR A 47 -6.64 -35.41 4.56
C TYR A 47 -7.18 -34.06 4.98
N LYS A 48 -7.72 -33.29 4.03
CA LYS A 48 -7.88 -31.87 4.26
C LYS A 48 -8.83 -31.59 5.42
N LYS A 49 -9.74 -32.53 5.70
CA LYS A 49 -10.73 -32.28 6.73
C LYS A 49 -10.62 -33.27 7.88
N SER A 50 -9.55 -34.06 7.89
CA SER A 50 -9.40 -35.07 8.93
C SER A 50 -9.22 -34.38 10.26
N GLY A 51 -10.19 -34.61 11.17
CA GLY A 51 -10.14 -34.18 12.55
C GLY A 51 -10.32 -32.66 12.77
N ILE A 52 -10.63 -31.91 11.71
CA ILE A 52 -10.91 -30.48 11.82
C ILE A 52 -12.33 -30.28 12.36
N THR A 53 -12.67 -29.00 12.58
CA THR A 53 -14.02 -28.61 12.93
C THR A 53 -14.59 -27.90 11.71
N GLU A 54 -15.90 -28.07 11.44
CA GLU A 54 -16.49 -27.33 10.35
C GLU A 54 -17.96 -27.08 10.61
N VAL A 55 -18.46 -25.97 10.07
CA VAL A 55 -19.85 -25.65 10.22
C VAL A 55 -20.62 -26.24 9.07
N ASP A 56 -21.87 -26.58 9.35
CA ASP A 56 -22.77 -27.13 8.36
C ASP A 56 -23.38 -25.98 7.56
N ARG A 57 -22.99 -25.88 6.30
CA ARG A 57 -23.38 -24.76 5.47
C ARG A 57 -24.60 -25.09 4.62
N THR A 58 -25.19 -26.28 4.78
CA THR A 58 -26.26 -26.73 3.90
C THR A 58 -27.41 -25.73 3.87
N GLU A 59 -27.96 -25.42 5.05
CA GLU A 59 -29.09 -24.51 5.14
C GLU A 59 -28.77 -23.17 4.47
N ALA A 60 -27.59 -22.61 4.80
CA ALA A 60 -27.17 -21.31 4.32
C ALA A 60 -26.97 -21.34 2.81
N LYS A 61 -26.40 -22.44 2.30
CA LYS A 61 -26.15 -22.51 0.88
C LYS A 61 -27.45 -22.56 0.09
N GLU A 62 -28.48 -23.16 0.68
CA GLU A 62 -29.73 -23.22 -0.03
C GLU A 62 -30.48 -21.89 0.00
N GLY A 63 -30.49 -21.25 1.17
CA GLY A 63 -31.12 -19.94 1.28
C GLY A 63 -30.45 -18.91 0.38
N LEU A 64 -29.13 -18.95 0.31
CA LEU A 64 -28.40 -17.99 -0.52
C LEU A 64 -28.71 -18.20 -1.99
N LYS A 65 -28.86 -19.46 -2.37
CA LYS A 65 -29.17 -19.81 -3.75
C LYS A 65 -30.51 -19.22 -4.17
N ARG A 66 -31.39 -19.01 -3.18
CA ARG A 66 -32.71 -18.44 -3.39
C ARG A 66 -32.72 -16.94 -3.11
N GLY A 67 -31.53 -16.36 -2.93
CA GLY A 67 -31.33 -14.92 -2.82
C GLY A 67 -31.93 -14.37 -1.53
N GLU A 68 -31.93 -15.20 -0.48
CA GLU A 68 -32.32 -14.72 0.85
C GLU A 68 -31.20 -13.85 1.42
N THR A 69 -31.60 -12.78 2.10
CA THR A 69 -30.68 -11.75 2.54
C THR A 69 -30.67 -11.62 4.06
N THR A 70 -31.42 -12.48 4.75
CA THR A 70 -31.49 -12.46 6.20
C THR A 70 -30.95 -13.77 6.77
N HIS A 71 -30.32 -13.67 7.95
CA HIS A 71 -29.89 -14.78 8.78
C HIS A 71 -28.59 -15.44 8.32
N HIS A 72 -28.45 -15.69 7.01
CA HIS A 72 -27.36 -16.52 6.51
C HIS A 72 -26.03 -15.76 6.50
N ALA A 73 -24.95 -16.45 6.90
CA ALA A 73 -23.60 -16.01 6.63
C ALA A 73 -23.26 -16.24 5.16
N VAL A 74 -22.56 -15.29 4.54
CA VAL A 74 -22.29 -15.38 3.12
C VAL A 74 -21.19 -16.41 2.85
N SER A 75 -20.47 -16.83 3.89
CA SER A 75 -19.35 -17.74 3.72
C SER A 75 -19.07 -18.41 5.06
N ARG A 76 -18.12 -19.35 5.04
CA ARG A 76 -17.61 -20.03 6.23
C ARG A 76 -16.81 -19.05 7.08
N GLY A 77 -16.59 -17.83 6.57
CA GLY A 77 -15.73 -16.86 7.23
C GLY A 77 -16.36 -16.26 8.48
N SER A 78 -17.68 -16.01 8.44
CA SER A 78 -18.38 -15.50 9.60
C SER A 78 -18.08 -16.38 10.81
N ALA A 79 -18.31 -17.69 10.65
CA ALA A 79 -18.09 -18.63 11.75
C ALA A 79 -16.62 -18.64 12.17
N LYS A 80 -15.71 -18.48 11.21
CA LYS A 80 -14.29 -18.55 11.52
C LYS A 80 -13.88 -17.38 12.41
N LEU A 81 -14.31 -16.17 12.03
CA LEU A 81 -13.95 -15.01 12.84
C LEU A 81 -14.64 -15.11 14.20
N GLN A 82 -15.85 -15.68 14.22
CA GLN A 82 -16.58 -15.73 15.47
C GLN A 82 -15.78 -16.54 16.49
N TRP A 83 -15.13 -17.61 16.03
CA TRP A 83 -14.37 -18.46 16.94
C TRP A 83 -13.34 -17.63 17.72
N PHE A 84 -12.71 -16.66 17.04
CA PHE A 84 -11.71 -15.82 17.69
C PHE A 84 -12.42 -14.82 18.61
N VAL A 85 -13.51 -14.25 18.14
CA VAL A 85 -14.17 -13.18 18.88
C VAL A 85 -14.73 -13.75 20.19
N GLU A 86 -15.37 -14.91 20.11
CA GLU A 86 -15.98 -15.51 21.29
C GLU A 86 -14.95 -15.91 22.33
N ARG A 87 -13.66 -15.91 21.97
CA ARG A 87 -12.60 -16.24 22.90
C ARG A 87 -11.77 -15.00 23.24
N ASN A 88 -12.29 -13.82 22.89
CA ASN A 88 -11.68 -12.54 23.26
C ASN A 88 -10.30 -12.34 22.66
N MET A 89 -9.96 -13.11 21.62
CA MET A 89 -8.66 -12.96 21.02
C MET A 89 -8.62 -11.65 20.21
N VAL A 90 -9.73 -11.31 19.56
CA VAL A 90 -9.90 -9.99 18.96
C VAL A 90 -11.29 -9.49 19.37
N ILE A 91 -11.36 -8.20 19.75
CA ILE A 91 -12.62 -7.64 20.21
C ILE A 91 -12.98 -6.47 19.31
N PRO A 92 -13.73 -6.74 18.22
CA PRO A 92 -14.05 -5.69 17.26
C PRO A 92 -14.83 -4.57 17.91
N GLU A 93 -14.38 -3.34 17.63
CA GLU A 93 -14.97 -2.15 18.20
C GLU A 93 -14.75 -0.98 17.24
N GLY A 94 -15.63 0.02 17.33
CA GLY A 94 -15.48 1.26 16.59
C GLY A 94 -15.48 1.02 15.08
N ARG A 95 -14.57 1.71 14.39
CA ARG A 95 -14.43 1.59 12.94
C ARG A 95 -13.62 0.34 12.62
N VAL A 96 -14.25 -0.58 11.87
CA VAL A 96 -13.64 -1.85 11.55
C VAL A 96 -13.27 -1.83 10.08
N ILE A 97 -12.00 -2.11 9.77
CA ILE A 97 -11.56 -2.34 8.41
C ILE A 97 -11.38 -3.84 8.20
N ASP A 98 -11.94 -4.33 7.08
CA ASP A 98 -11.86 -5.73 6.72
C ASP A 98 -11.11 -5.86 5.38
N LEU A 99 -9.80 -6.10 5.44
CA LEU A 99 -8.98 -6.18 4.22
C LEU A 99 -9.09 -7.58 3.63
N GLY A 100 -9.50 -7.65 2.36
CA GLY A 100 -9.75 -8.92 1.71
C GLY A 100 -11.08 -9.51 2.14
N CYS A 101 -12.11 -8.67 2.13
CA CYS A 101 -13.41 -9.03 2.66
C CYS A 101 -14.11 -10.08 1.80
N GLY A 102 -13.73 -10.24 0.54
CA GLY A 102 -14.38 -11.22 -0.31
C GLY A 102 -15.88 -11.04 -0.27
N ARG A 103 -16.62 -12.13 -0.02
CA ARG A 103 -18.07 -12.08 -0.05
C ARG A 103 -18.62 -11.25 1.11
N GLY A 104 -17.87 -11.22 2.21
CA GLY A 104 -18.18 -10.30 3.30
C GLY A 104 -18.44 -11.00 4.64
N GLY A 105 -17.98 -12.24 4.81
CA GLY A 105 -18.31 -13.01 6.00
C GLY A 105 -17.84 -12.36 7.30
N TRP A 106 -16.63 -11.79 7.28
CA TRP A 106 -16.11 -11.12 8.47
C TRP A 106 -16.87 -9.83 8.71
N SER A 107 -17.13 -9.08 7.64
CA SER A 107 -17.78 -7.78 7.76
C SER A 107 -19.18 -7.90 8.35
N TYR A 108 -19.97 -8.84 7.82
CA TYR A 108 -21.35 -8.95 8.23
C TYR A 108 -21.44 -9.42 9.68
N TYR A 109 -20.53 -10.32 10.05
CA TYR A 109 -20.49 -10.80 11.42
C TYR A 109 -20.17 -9.65 12.38
N CYS A 110 -19.15 -8.84 12.06
CA CYS A 110 -18.75 -7.75 12.93
C CYS A 110 -19.87 -6.72 13.04
N ALA A 111 -20.72 -6.65 12.02
CA ALA A 111 -21.70 -5.57 11.96
C ALA A 111 -22.75 -5.75 13.06
N GLY A 112 -22.88 -6.96 13.61
CA GLY A 112 -23.89 -7.24 14.62
C GLY A 112 -23.33 -7.19 16.04
N LEU A 113 -22.03 -6.87 16.19
CA LEU A 113 -21.40 -6.77 17.50
C LEU A 113 -21.61 -5.39 18.13
N LYS A 114 -21.89 -5.40 19.43
CA LYS A 114 -22.29 -4.23 20.18
C LYS A 114 -21.31 -3.07 20.00
N LYS A 115 -20.00 -3.33 20.17
CA LYS A 115 -19.08 -2.21 20.24
C LYS A 115 -18.72 -1.64 18.86
N VAL A 116 -19.20 -2.27 17.80
CA VAL A 116 -18.80 -1.90 16.45
C VAL A 116 -19.74 -0.82 15.94
N THR A 117 -19.13 0.21 15.33
CA THR A 117 -19.86 1.39 14.87
C THR A 117 -19.89 1.48 13.35
N GLU A 118 -18.90 0.90 12.68
CA GLU A 118 -18.75 1.03 11.25
C GLU A 118 -17.88 -0.11 10.73
N VAL A 119 -18.25 -0.63 9.55
CA VAL A 119 -17.52 -1.70 8.91
C VAL A 119 -17.24 -1.31 7.46
N ARG A 120 -15.95 -1.27 7.11
CA ARG A 120 -15.54 -0.98 5.75
C ARG A 120 -14.72 -2.16 5.23
N GLY A 121 -15.28 -2.88 4.25
CA GLY A 121 -14.60 -4.01 3.63
C GLY A 121 -14.05 -3.69 2.23
N TYR A 122 -12.88 -4.25 1.92
CA TYR A 122 -12.17 -4.03 0.67
C TYR A 122 -11.76 -5.36 0.07
N THR A 123 -12.05 -5.56 -1.20
CA THR A 123 -11.61 -6.80 -1.81
C THR A 123 -11.35 -6.55 -3.29
N LYS A 124 -10.57 -7.43 -3.90
CA LYS A 124 -10.08 -7.23 -5.25
C LYS A 124 -11.18 -7.45 -6.27
N GLY A 125 -11.97 -8.51 -6.09
CA GLY A 125 -12.98 -8.85 -7.08
C GLY A 125 -12.38 -9.19 -8.44
N GLY A 126 -13.29 -9.34 -9.41
CA GLY A 126 -12.94 -9.60 -10.80
C GLY A 126 -12.62 -11.08 -11.01
N PRO A 127 -12.06 -11.42 -12.19
CA PRO A 127 -11.70 -12.81 -12.48
C PRO A 127 -10.82 -13.42 -11.40
N GLY A 128 -11.27 -14.57 -10.88
CA GLY A 128 -10.47 -15.34 -9.95
C GLY A 128 -10.74 -14.97 -8.48
N HIS A 129 -11.57 -13.97 -8.24
CA HIS A 129 -11.71 -13.52 -6.86
C HIS A 129 -13.18 -13.32 -6.54
N GLU A 130 -13.55 -13.60 -5.28
CA GLU A 130 -14.93 -13.47 -4.84
C GLU A 130 -15.37 -12.01 -4.78
N GLU A 131 -16.62 -11.77 -5.18
CA GLU A 131 -17.23 -10.45 -5.14
C GLU A 131 -18.09 -10.31 -3.89
N PRO A 132 -18.16 -9.10 -3.28
CA PRO A 132 -19.03 -8.89 -2.12
C PRO A 132 -20.47 -9.26 -2.44
N VAL A 133 -21.12 -9.87 -1.44
CA VAL A 133 -22.49 -10.30 -1.55
C VAL A 133 -23.34 -9.35 -0.70
N PRO A 134 -24.34 -8.65 -1.27
CA PRO A 134 -25.17 -7.73 -0.48
C PRO A 134 -26.12 -8.51 0.43
N MET A 135 -26.19 -8.11 1.70
CA MET A 135 -27.03 -8.79 2.69
C MET A 135 -27.76 -7.78 3.58
N SER A 136 -28.81 -8.27 4.27
CA SER A 136 -29.54 -7.48 5.24
C SER A 136 -29.56 -8.18 6.59
N THR A 137 -28.47 -8.86 6.91
CA THR A 137 -28.28 -9.43 8.24
C THR A 137 -28.12 -8.30 9.24
N TYR A 138 -28.26 -8.62 10.54
CA TYR A 138 -28.33 -7.60 11.56
C TYR A 138 -27.13 -6.66 11.51
N GLY A 139 -27.43 -5.36 11.39
CA GLY A 139 -26.39 -4.34 11.40
C GLY A 139 -25.85 -4.04 10.00
N TRP A 140 -26.52 -4.53 8.95
CA TRP A 140 -26.04 -4.35 7.58
C TRP A 140 -25.85 -2.86 7.26
N ASN A 141 -26.65 -2.00 7.90
CA ASN A 141 -26.66 -0.60 7.54
C ASN A 141 -25.37 0.13 7.93
N ILE A 142 -24.47 -0.52 8.69
CA ILE A 142 -23.21 0.12 9.04
C ILE A 142 -22.07 -0.47 8.22
N VAL A 143 -22.38 -1.31 7.21
CA VAL A 143 -21.38 -2.00 6.39
C VAL A 143 -21.27 -1.32 5.03
N LYS A 144 -20.04 -1.14 4.54
CA LYS A 144 -19.79 -0.80 3.14
C LYS A 144 -18.70 -1.70 2.60
N LEU A 145 -19.04 -2.54 1.61
CA LEU A 145 -18.09 -3.44 0.99
C LEU A 145 -17.74 -2.92 -0.40
N MET A 146 -16.44 -2.79 -0.68
CA MET A 146 -15.96 -2.16 -1.90
C MET A 146 -15.09 -3.15 -2.68
N SER A 147 -15.53 -3.46 -3.90
CA SER A 147 -14.81 -4.36 -4.78
C SER A 147 -13.82 -3.55 -5.60
N GLY A 148 -12.99 -4.24 -6.41
CA GLY A 148 -12.03 -3.59 -7.30
C GLY A 148 -10.94 -2.82 -6.54
N LYS A 149 -10.67 -3.26 -5.31
CA LYS A 149 -9.70 -2.59 -4.46
C LYS A 149 -8.57 -3.57 -4.19
N ASP A 150 -7.39 -3.21 -4.69
CA ASP A 150 -6.19 -3.96 -4.38
C ASP A 150 -5.57 -3.35 -3.13
N VAL A 151 -5.48 -4.15 -2.06
CA VAL A 151 -5.12 -3.58 -0.78
C VAL A 151 -3.66 -3.14 -0.80
N PHE A 152 -2.86 -3.64 -1.75
CA PHE A 152 -1.47 -3.27 -1.75
C PHE A 152 -1.29 -1.84 -2.26
N TYR A 153 -2.35 -1.29 -2.85
CA TYR A 153 -2.35 0.05 -3.39
C TYR A 153 -3.33 0.95 -2.64
N LEU A 154 -3.79 0.52 -1.46
CA LEU A 154 -4.69 1.30 -0.61
C LEU A 154 -3.87 2.08 0.41
N PRO A 155 -4.09 3.39 0.57
CA PRO A 155 -3.44 4.14 1.63
C PRO A 155 -4.06 3.68 2.95
N PRO A 156 -3.29 3.61 4.06
CA PRO A 156 -3.86 3.27 5.36
C PRO A 156 -4.80 4.37 5.84
N GLU A 157 -5.94 3.94 6.41
CA GLU A 157 -6.93 4.80 7.04
C GLU A 157 -6.95 4.59 8.56
N LYS A 158 -7.58 5.53 9.27
CA LYS A 158 -7.75 5.38 10.70
C LYS A 158 -8.83 4.34 10.96
N CYS A 159 -8.56 3.45 11.92
CA CYS A 159 -9.53 2.44 12.30
C CYS A 159 -9.21 1.94 13.71
N ASP A 160 -10.22 1.32 14.34
CA ASP A 160 -10.14 0.84 15.72
C ASP A 160 -9.96 -0.68 15.72
N THR A 161 -10.36 -1.35 14.63
CA THR A 161 -10.12 -2.77 14.43
C THR A 161 -9.64 -3.00 12.99
N LEU A 162 -8.49 -3.67 12.86
CA LEU A 162 -7.96 -4.03 11.54
C LEU A 162 -8.08 -5.53 11.35
N LEU A 163 -8.92 -5.95 10.39
CA LEU A 163 -9.00 -7.35 10.04
C LEU A 163 -8.38 -7.55 8.67
N CYS A 164 -7.70 -8.69 8.48
CA CYS A 164 -7.14 -9.02 7.19
C CYS A 164 -7.08 -10.54 7.04
N ASP A 165 -7.61 -11.04 5.92
CA ASP A 165 -7.77 -12.46 5.65
C ASP A 165 -7.15 -12.85 4.30
N ILE A 166 -6.10 -12.10 3.89
CA ILE A 166 -5.47 -12.29 2.61
C ILE A 166 -4.28 -13.25 2.74
N GLY A 167 -4.13 -14.08 1.71
CA GLY A 167 -3.04 -15.03 1.62
C GLY A 167 -3.47 -16.21 0.73
N GLU A 168 -2.96 -16.23 -0.50
CA GLU A 168 -3.35 -17.26 -1.45
C GLU A 168 -2.37 -18.42 -1.34
N SER A 169 -2.90 -19.63 -1.17
CA SER A 169 -2.08 -20.83 -1.10
C SER A 169 -1.38 -21.10 -2.44
N SER A 170 -0.16 -21.66 -2.36
CA SER A 170 0.62 -22.08 -3.50
C SER A 170 1.31 -23.39 -3.11
N PRO A 171 1.55 -24.34 -4.05
CA PRO A 171 2.38 -25.51 -3.75
C PRO A 171 3.78 -25.15 -3.29
N SER A 172 4.26 -23.98 -3.72
CA SER A 172 5.60 -23.50 -3.37
C SER A 172 5.52 -22.74 -2.05
N PRO A 173 6.23 -23.20 -1.00
CA PRO A 173 6.31 -22.43 0.25
C PRO A 173 7.07 -21.11 0.10
N THR A 174 8.01 -21.04 -0.84
CA THR A 174 8.74 -19.79 -1.02
C THR A 174 7.79 -18.73 -1.60
N VAL A 175 6.87 -19.15 -2.48
CA VAL A 175 5.87 -18.24 -3.01
C VAL A 175 4.99 -17.76 -1.87
N GLU A 176 4.52 -18.72 -1.07
CA GLU A 176 3.70 -18.42 0.10
C GLU A 176 4.43 -17.52 1.09
N GLU A 177 5.72 -17.74 1.27
CA GLU A 177 6.57 -16.91 2.12
C GLU A 177 6.54 -15.47 1.63
N SER A 178 6.63 -15.29 0.31
CA SER A 178 6.69 -13.95 -0.21
C SER A 178 5.33 -13.26 -0.04
N ARG A 179 4.23 -13.95 -0.37
CA ARG A 179 2.86 -13.47 -0.18
C ARG A 179 2.61 -13.10 1.28
N THR A 180 3.13 -13.90 2.21
CA THR A 180 2.90 -13.66 3.63
C THR A 180 3.61 -12.38 4.06
N ILE A 181 4.89 -12.22 3.69
CA ILE A 181 5.66 -11.02 4.05
C ILE A 181 5.00 -9.78 3.47
N ARG A 182 4.49 -9.90 2.24
CA ARG A 182 3.88 -8.76 1.59
C ARG A 182 2.69 -8.29 2.42
N VAL A 183 1.88 -9.24 2.88
CA VAL A 183 0.73 -8.94 3.71
C VAL A 183 1.20 -8.27 5.01
N LEU A 184 2.25 -8.81 5.62
CA LEU A 184 2.66 -8.31 6.93
C LEU A 184 3.19 -6.88 6.80
N LYS A 185 3.94 -6.60 5.72
CA LYS A 185 4.45 -5.27 5.49
C LYS A 185 3.31 -4.31 5.20
N MET A 186 2.28 -4.79 4.51
CA MET A 186 1.14 -3.97 4.11
C MET A 186 0.33 -3.58 5.34
N VAL A 187 0.10 -4.53 6.28
CA VAL A 187 -0.84 -4.30 7.37
C VAL A 187 -0.25 -3.36 8.42
N GLU A 188 1.07 -3.30 8.53
CA GLU A 188 1.70 -2.64 9.67
C GLU A 188 1.25 -1.19 9.81
N PRO A 189 1.23 -0.36 8.73
CA PRO A 189 0.78 1.03 8.83
C PRO A 189 -0.68 1.22 9.27
N TRP A 190 -1.46 0.16 9.21
CA TRP A 190 -2.84 0.21 9.66
C TRP A 190 -2.91 -0.06 11.17
N LEU A 191 -1.82 -0.55 11.76
CA LEU A 191 -1.82 -0.95 13.17
C LEU A 191 -1.28 0.19 14.03
N LYS A 192 -2.12 0.68 14.95
CA LYS A 192 -1.75 1.73 15.87
C LYS A 192 -2.63 1.61 17.11
N ASN A 193 -2.17 0.75 18.02
CA ASN A 193 -2.88 0.50 19.27
C ASN A 193 -4.35 0.25 18.99
N ASN A 194 -4.61 -0.69 18.07
CA ASN A 194 -5.97 -1.08 17.75
C ASN A 194 -6.12 -2.60 17.87
N GLN A 195 -7.36 -3.05 17.88
CA GLN A 195 -7.64 -4.48 17.81
C GLN A 195 -7.29 -5.00 16.41
N PHE A 196 -6.83 -6.25 16.33
CA PHE A 196 -6.55 -6.79 15.02
C PHE A 196 -6.66 -8.31 14.96
N CYS A 197 -6.80 -8.79 13.74
CA CYS A 197 -6.82 -10.22 13.43
C CYS A 197 -6.40 -10.37 11.98
N ILE A 198 -5.19 -10.92 11.77
CA ILE A 198 -4.52 -10.94 10.49
C ILE A 198 -4.11 -12.38 10.17
N LYS A 199 -4.49 -12.84 8.98
CA LYS A 199 -4.08 -14.16 8.53
C LYS A 199 -2.60 -14.15 8.20
N VAL A 200 -1.93 -15.19 8.70
CA VAL A 200 -0.56 -15.45 8.32
C VAL A 200 -0.53 -16.77 7.55
N LEU A 201 -0.45 -16.67 6.22
CA LEU A 201 -0.71 -17.81 5.36
C LEU A 201 0.33 -18.89 5.58
N ASN A 202 1.61 -18.48 5.59
CA ASN A 202 2.74 -19.37 5.82
C ASN A 202 3.56 -18.82 7.00
N PRO A 203 3.33 -19.33 8.23
CA PRO A 203 4.06 -18.84 9.40
C PRO A 203 5.31 -19.62 9.76
N TYR A 204 5.67 -20.65 8.98
CA TYR A 204 6.73 -21.54 9.42
C TYR A 204 8.06 -21.26 8.73
N MET A 205 8.06 -20.47 7.65
CA MET A 205 9.31 -20.14 6.97
C MET A 205 10.11 -19.16 7.82
N PRO A 206 11.43 -19.36 7.94
CA PRO A 206 12.25 -18.56 8.86
C PRO A 206 12.13 -17.05 8.72
N THR A 207 12.04 -16.54 7.49
CA THR A 207 11.98 -15.10 7.29
C THR A 207 10.67 -14.53 7.83
N VAL A 208 9.58 -15.29 7.66
CA VAL A 208 8.30 -14.85 8.20
C VAL A 208 8.35 -14.76 9.72
N ILE A 209 8.83 -15.84 10.36
CA ILE A 209 9.03 -15.92 11.80
C ILE A 209 9.76 -14.67 12.30
N GLU A 210 10.83 -14.28 11.59
CA GLU A 210 11.60 -13.10 11.95
C GLU A 210 10.71 -11.86 11.92
N HIS A 211 9.92 -11.71 10.84
CA HIS A 211 9.06 -10.55 10.75
C HIS A 211 8.03 -10.54 11.87
N LEU A 212 7.44 -11.72 12.15
CA LEU A 212 6.39 -11.82 13.15
C LEU A 212 6.94 -11.45 14.54
N GLU A 213 8.17 -11.87 14.78
CA GLU A 213 8.80 -11.59 16.06
C GLU A 213 8.95 -10.07 16.25
N ARG A 214 9.44 -9.39 15.20
CA ARG A 214 9.49 -7.93 15.20
C ARG A 214 8.10 -7.32 15.47
N LEU A 215 7.09 -7.84 14.77
CA LEU A 215 5.78 -7.22 14.84
C LEU A 215 5.17 -7.39 16.23
N GLN A 216 5.37 -8.58 16.83
CA GLN A 216 4.86 -8.88 18.16
C GLN A 216 5.51 -7.95 19.18
N ARG A 217 6.83 -7.74 19.07
CA ARG A 217 7.54 -6.84 19.97
C ARG A 217 6.97 -5.42 19.91
N LYS A 218 6.57 -4.99 18.72
CA LYS A 218 6.06 -3.64 18.57
C LYS A 218 4.59 -3.58 18.95
N HIS A 219 3.78 -4.55 18.48
CA HIS A 219 2.35 -4.42 18.54
C HIS A 219 1.68 -5.46 19.44
N GLY A 220 2.47 -6.39 20.00
CA GLY A 220 1.94 -7.42 20.89
C GLY A 220 1.21 -8.53 20.13
N GLY A 221 0.23 -9.12 20.80
CA GLY A 221 -0.51 -10.20 20.18
C GLY A 221 0.23 -11.53 20.15
N MET A 222 -0.43 -12.50 19.50
CA MET A 222 -0.06 -13.90 19.47
C MET A 222 -0.61 -14.52 18.19
N LEU A 223 0.05 -15.59 17.70
CA LEU A 223 -0.48 -16.41 16.63
C LEU A 223 -1.32 -17.55 17.20
N VAL A 224 -2.44 -17.82 16.52
CA VAL A 224 -3.41 -18.78 17.00
C VAL A 224 -3.94 -19.60 15.83
N ARG A 225 -4.05 -20.90 16.06
CA ARG A 225 -4.58 -21.79 15.03
C ARG A 225 -6.10 -21.88 15.21
N ASN A 226 -6.82 -21.58 14.15
CA ASN A 226 -8.27 -21.74 14.20
C ASN A 226 -8.64 -23.18 13.85
N PRO A 227 -9.43 -23.87 14.71
CA PRO A 227 -9.82 -25.26 14.44
C PRO A 227 -10.66 -25.47 13.19
N LEU A 228 -11.25 -24.37 12.69
CA LEU A 228 -12.06 -24.44 11.49
C LEU A 228 -11.19 -24.38 10.23
N SER A 229 -9.88 -24.18 10.44
CA SER A 229 -8.89 -24.24 9.36
C SER A 229 -8.69 -25.68 8.90
N ARG A 230 -8.53 -25.86 7.58
CA ARG A 230 -8.34 -27.16 6.98
C ARG A 230 -6.88 -27.56 7.12
N ASN A 231 -6.64 -28.86 7.10
CA ASN A 231 -5.30 -29.37 7.25
C ASN A 231 -4.45 -29.03 6.03
N SER A 232 -5.14 -28.72 4.92
CA SER A 232 -4.51 -28.35 3.65
C SER A 232 -3.80 -26.98 3.73
N THR A 233 -3.91 -26.27 4.86
CA THR A 233 -3.24 -24.98 4.99
C THR A 233 -2.67 -24.87 6.40
N HIS A 234 -1.52 -24.20 6.47
CA HIS A 234 -0.79 -23.97 7.71
C HIS A 234 -1.11 -22.59 8.29
N GLU A 235 -2.12 -21.92 7.74
CA GLU A 235 -2.47 -20.57 8.16
C GLU A 235 -2.67 -20.50 9.67
N MET A 236 -2.17 -19.42 10.25
CA MET A 236 -2.42 -19.03 11.61
C MET A 236 -2.79 -17.56 11.63
N TYR A 237 -3.48 -17.13 12.68
CA TYR A 237 -3.93 -15.75 12.72
C TYR A 237 -3.20 -15.00 13.84
N TRP A 238 -2.59 -13.87 13.48
CA TRP A 238 -2.01 -12.96 14.44
C TRP A 238 -3.13 -12.11 15.03
N ILE A 239 -3.51 -12.39 16.30
CA ILE A 239 -4.59 -11.69 16.98
C ILE A 239 -3.99 -10.74 18.02
N SER A 240 -4.71 -9.67 18.35
CA SER A 240 -4.14 -8.62 19.19
C SER A 240 -4.06 -9.02 20.67
N ASN A 241 -5.07 -9.77 21.15
CA ASN A 241 -5.21 -10.01 22.59
C ASN A 241 -4.69 -11.39 23.00
N GLY A 242 -3.39 -11.44 23.21
CA GLY A 242 -2.73 -12.65 23.63
C GLY A 242 -1.23 -12.40 23.71
N THR A 243 -0.51 -13.34 24.34
CA THR A 243 0.94 -13.33 24.41
C THR A 243 1.40 -14.77 24.22
N GLY A 244 2.71 -14.94 23.99
CA GLY A 244 3.24 -16.28 23.96
C GLY A 244 4.34 -16.43 22.94
N ASN A 245 4.87 -17.64 22.83
CA ASN A 245 6.02 -17.86 21.98
C ASN A 245 5.53 -18.20 20.57
N ILE A 246 5.95 -17.42 19.57
CA ILE A 246 5.51 -17.65 18.20
C ILE A 246 6.04 -18.99 17.69
N VAL A 247 7.37 -19.19 17.81
CA VAL A 247 7.99 -20.40 17.31
C VAL A 247 7.30 -21.64 17.90
N SER A 248 7.07 -21.66 19.22
CA SER A 248 6.42 -22.80 19.85
C SER A 248 5.05 -23.07 19.21
N SER A 249 4.24 -22.01 19.06
CA SER A 249 2.88 -22.17 18.56
C SER A 249 2.90 -22.76 17.15
N VAL A 250 3.86 -22.27 16.34
CA VAL A 250 3.97 -22.67 14.95
C VAL A 250 4.35 -24.16 14.88
N ASN A 251 5.34 -24.56 15.69
CA ASN A 251 5.78 -25.95 15.63
C ASN A 251 4.68 -26.90 16.08
N MET A 252 3.80 -26.41 16.96
CA MET A 252 2.74 -27.25 17.49
C MET A 252 1.75 -27.57 16.37
N VAL A 253 1.46 -26.58 15.54
CA VAL A 253 0.57 -26.79 14.42
C VAL A 253 1.25 -27.71 13.41
N SER A 254 2.54 -27.51 13.16
CA SER A 254 3.24 -28.38 12.24
C SER A 254 3.15 -29.83 12.71
N ARG A 255 3.33 -30.03 14.02
CA ARG A 255 3.31 -31.37 14.56
C ARG A 255 1.92 -31.96 14.33
N LEU A 256 0.88 -31.19 14.69
CA LEU A 256 -0.50 -31.59 14.54
C LEU A 256 -0.74 -32.04 13.09
N LEU A 257 -0.37 -31.18 12.13
CA LEU A 257 -0.71 -31.46 10.74
C LEU A 257 0.07 -32.66 10.22
N LEU A 258 1.33 -32.81 10.66
CA LEU A 258 2.10 -33.96 10.25
C LEU A 258 1.47 -35.25 10.77
N ASN A 259 1.01 -35.23 12.03
CA ASN A 259 0.41 -36.40 12.63
C ASN A 259 -0.86 -36.78 11.87
N ARG A 260 -1.58 -35.78 11.35
CA ARG A 260 -2.84 -36.09 10.74
C ARG A 260 -2.67 -36.76 9.37
N PHE A 261 -1.42 -36.89 8.90
CA PHE A 261 -1.14 -37.71 7.72
C PHE A 261 -1.26 -39.19 8.10
N THR A 262 -0.80 -39.50 9.33
CA THR A 262 -0.47 -40.84 9.75
C THR A 262 -1.69 -41.64 10.18
N MET A 263 -2.88 -41.06 10.12
CA MET A 263 -4.03 -41.77 10.64
C MET A 263 -5.07 -41.80 9.54
N THR A 264 -5.91 -42.82 9.55
CA THR A 264 -7.05 -42.82 8.66
C THR A 264 -7.90 -41.57 8.93
N HIS A 265 -8.60 -41.07 7.91
CA HIS A 265 -9.43 -39.89 8.05
C HIS A 265 -10.26 -40.02 9.33
N ARG A 266 -10.29 -38.93 10.08
CA ARG A 266 -11.28 -38.75 11.14
C ARG A 266 -12.29 -37.71 10.70
N ARG A 267 -13.58 -38.09 10.61
CA ARG A 267 -14.55 -37.15 10.09
C ARG A 267 -14.59 -35.87 10.93
N PRO A 268 -14.82 -34.71 10.27
CA PRO A 268 -14.81 -33.42 10.97
C PRO A 268 -15.96 -33.30 11.95
N THR A 269 -15.67 -32.60 13.05
CA THR A 269 -16.65 -32.23 14.06
C THR A 269 -17.54 -31.15 13.48
N ILE A 270 -18.82 -31.48 13.29
CA ILE A 270 -19.74 -30.58 12.61
C ILE A 270 -20.43 -29.72 13.65
N GLU A 271 -20.41 -28.40 13.42
CA GLU A 271 -21.07 -27.44 14.31
C GLU A 271 -22.17 -26.70 13.56
N LYS A 272 -23.06 -26.06 14.31
CA LYS A 272 -24.11 -25.22 13.72
C LYS A 272 -23.43 -23.96 13.19
N ASP A 273 -23.84 -23.55 11.99
CA ASP A 273 -23.39 -22.31 11.40
C ASP A 273 -24.05 -21.13 12.13
N VAL A 274 -23.43 -19.94 11.99
CA VAL A 274 -23.88 -18.72 12.61
C VAL A 274 -25.23 -18.24 12.05
N ASP A 275 -26.09 -17.75 12.94
CA ASP A 275 -27.28 -17.01 12.56
C ASP A 275 -26.99 -15.52 12.75
N LEU A 276 -26.94 -14.76 11.64
CA LEU A 276 -26.53 -13.36 11.72
C LEU A 276 -27.73 -12.40 11.77
N GLY A 277 -28.95 -12.96 11.82
CA GLY A 277 -30.14 -12.19 12.15
C GLY A 277 -30.64 -11.31 11.00
N ALA A 278 -31.32 -10.22 11.36
CA ALA A 278 -31.90 -9.30 10.39
C ALA A 278 -32.02 -7.90 10.97
N GLY A 279 -32.13 -6.93 10.06
CA GLY A 279 -32.57 -5.59 10.41
C GLY A 279 -31.43 -4.64 10.74
N THR A 280 -31.79 -3.35 10.83
CA THR A 280 -30.82 -2.29 11.08
C THR A 280 -30.42 -2.28 12.55
N ARG A 281 -29.40 -1.50 12.86
CA ARG A 281 -29.06 -1.25 14.24
C ARG A 281 -28.98 0.27 14.47
N GLU B 26 28.79 0.22 2.28
CA GLU B 26 28.47 1.23 1.24
C GLU B 26 27.35 0.72 0.33
N THR B 27 26.48 1.65 -0.07
CA THR B 27 25.28 1.32 -0.81
C THR B 27 25.57 1.38 -2.32
N LEU B 28 24.70 0.71 -3.09
CA LEU B 28 24.78 0.75 -4.54
C LEU B 28 24.62 2.18 -5.07
N GLY B 29 23.74 2.94 -4.43
CA GLY B 29 23.53 4.34 -4.80
C GLY B 29 24.80 5.17 -4.65
N GLU B 30 25.56 4.88 -3.60
CA GLU B 30 26.75 5.69 -3.32
C GLU B 30 27.78 5.45 -4.41
N LYS B 31 27.84 4.20 -4.90
CA LYS B 31 28.77 3.86 -5.97
C LYS B 31 28.37 4.60 -7.24
N TRP B 32 27.07 4.61 -7.53
CA TRP B 32 26.54 5.33 -8.69
C TRP B 32 26.95 6.80 -8.62
N LYS B 33 26.79 7.43 -7.45
CA LYS B 33 27.09 8.84 -7.29
C LYS B 33 28.56 9.11 -7.62
N LYS B 34 29.45 8.26 -7.11
CA LYS B 34 30.87 8.44 -7.33
C LYS B 34 31.22 8.35 -8.81
N LYS B 35 30.70 7.32 -9.49
CA LYS B 35 30.84 7.17 -10.93
C LYS B 35 30.28 8.39 -11.65
N LEU B 36 29.15 8.93 -11.16
CA LEU B 36 28.55 10.08 -11.80
C LEU B 36 29.44 11.31 -11.66
N ASN B 37 29.97 11.53 -10.46
CA ASN B 37 30.81 12.70 -10.19
C ASN B 37 32.11 12.66 -10.99
N GLN B 38 32.52 11.50 -11.49
CA GLN B 38 33.80 11.52 -12.19
C GLN B 38 33.61 11.60 -13.71
N LEU B 39 32.38 11.74 -14.16
CA LEU B 39 32.12 11.94 -15.58
C LEU B 39 32.53 13.36 -15.98
N SER B 40 32.98 13.47 -17.23
CA SER B 40 33.21 14.77 -17.84
C SER B 40 31.86 15.39 -18.13
N ARG B 41 31.81 16.71 -18.27
CA ARG B 41 30.56 17.34 -18.64
C ARG B 41 30.01 16.75 -19.94
N LYS B 42 30.90 16.29 -20.83
CA LYS B 42 30.43 15.73 -22.09
C LYS B 42 29.77 14.38 -21.84
N GLU B 43 30.43 13.51 -21.05
CA GLU B 43 29.92 12.19 -20.68
C GLU B 43 28.62 12.32 -19.88
N PHE B 44 28.59 13.28 -18.96
CA PHE B 44 27.39 13.59 -18.19
C PHE B 44 26.21 13.94 -19.08
N ASP B 45 26.42 14.84 -20.05
CA ASP B 45 25.34 15.32 -20.88
C ASP B 45 24.76 14.19 -21.71
N LEU B 46 25.60 13.21 -22.08
CA LEU B 46 25.10 12.03 -22.76
C LEU B 46 24.33 11.17 -21.75
N TYR B 47 25.00 10.86 -20.65
CA TYR B 47 24.46 9.90 -19.72
C TYR B 47 23.09 10.34 -19.23
N LYS B 48 22.92 11.65 -18.99
CA LYS B 48 21.80 12.11 -18.19
C LYS B 48 20.47 11.77 -18.83
N LYS B 49 20.46 11.60 -20.16
CA LYS B 49 19.18 11.39 -20.82
C LYS B 49 19.12 10.03 -21.50
N SER B 50 20.12 9.18 -21.27
CA SER B 50 20.16 7.92 -21.97
C SER B 50 19.01 7.04 -21.52
N GLY B 51 18.11 6.71 -22.46
CA GLY B 51 17.03 5.76 -22.23
C GLY B 51 15.87 6.32 -21.41
N ILE B 52 15.91 7.60 -21.01
CA ILE B 52 14.84 8.22 -20.25
C ILE B 52 13.70 8.58 -21.19
N THR B 53 12.59 9.05 -20.59
CA THR B 53 11.47 9.59 -21.34
C THR B 53 11.48 11.09 -21.13
N GLU B 54 11.07 11.86 -22.14
CA GLU B 54 11.06 13.31 -22.00
C GLU B 54 9.98 13.93 -22.89
N VAL B 55 9.32 14.96 -22.37
CA VAL B 55 8.33 15.64 -23.18
C VAL B 55 8.99 16.72 -24.00
N ASP B 56 8.37 16.99 -25.16
CA ASP B 56 8.82 18.01 -26.07
C ASP B 56 8.29 19.35 -25.62
N ARG B 57 9.21 20.20 -25.14
CA ARG B 57 8.79 21.44 -24.54
C ARG B 57 8.89 22.61 -25.54
N THR B 58 9.26 22.33 -26.79
CA THR B 58 9.56 23.40 -27.72
C THR B 58 8.38 24.35 -27.85
N GLU B 59 7.24 23.80 -28.28
CA GLU B 59 6.02 24.58 -28.50
C GLU B 59 5.69 25.41 -27.26
N ALA B 60 5.72 24.77 -26.10
CA ALA B 60 5.37 25.40 -24.83
C ALA B 60 6.37 26.49 -24.48
N LYS B 61 7.66 26.27 -24.76
CA LYS B 61 8.66 27.26 -24.42
C LYS B 61 8.44 28.52 -25.25
N GLU B 62 7.96 28.33 -26.48
CA GLU B 62 7.81 29.48 -27.36
C GLU B 62 6.56 30.26 -27.01
N GLY B 63 5.47 29.54 -26.79
CA GLY B 63 4.24 30.19 -26.38
C GLY B 63 4.41 30.97 -25.08
N LEU B 64 5.15 30.43 -24.13
CA LEU B 64 5.34 31.09 -22.85
C LEU B 64 6.20 32.34 -23.03
N LYS B 65 7.12 32.30 -23.99
CA LYS B 65 7.96 33.44 -24.30
C LYS B 65 7.10 34.57 -24.87
N ARG B 66 6.06 34.21 -25.62
CA ARG B 66 5.14 35.19 -26.18
C ARG B 66 4.07 35.60 -25.18
N GLY B 67 4.16 35.10 -23.93
CA GLY B 67 3.28 35.52 -22.86
C GLY B 67 1.90 34.85 -22.92
N GLU B 68 1.77 33.77 -23.69
CA GLU B 68 0.52 33.01 -23.75
C GLU B 68 0.26 32.30 -22.42
N THR B 69 -1.02 32.27 -22.05
CA THR B 69 -1.44 31.85 -20.72
C THR B 69 -2.36 30.64 -20.79
N THR B 70 -2.56 30.07 -21.98
CA THR B 70 -3.47 28.94 -22.13
C THR B 70 -2.72 27.77 -22.73
N HIS B 71 -3.17 26.55 -22.35
CA HIS B 71 -2.71 25.29 -22.90
C HIS B 71 -1.36 24.83 -22.34
N HIS B 72 -0.36 25.72 -22.29
CA HIS B 72 1.00 25.35 -21.98
C HIS B 72 1.17 25.01 -20.49
N ALA B 73 1.96 23.96 -20.21
CA ALA B 73 2.49 23.73 -18.86
C ALA B 73 3.64 24.69 -18.57
N VAL B 74 3.74 25.19 -17.34
CA VAL B 74 4.78 26.17 -17.02
C VAL B 74 6.15 25.51 -16.92
N SER B 75 6.19 24.20 -16.69
CA SER B 75 7.44 23.47 -16.52
C SER B 75 7.23 22.03 -16.99
N ARG B 76 8.32 21.25 -16.95
CA ARG B 76 8.31 19.82 -17.21
C ARG B 76 7.57 19.08 -16.09
N GLY B 77 7.23 19.83 -15.03
CA GLY B 77 6.63 19.23 -13.83
C GLY B 77 5.21 18.74 -14.06
N SER B 78 4.45 19.44 -14.91
CA SER B 78 3.07 19.04 -15.12
C SER B 78 3.05 17.61 -15.64
N ALA B 79 3.83 17.34 -16.70
CA ALA B 79 3.93 16.03 -17.30
C ALA B 79 4.44 15.02 -16.27
N LYS B 80 5.38 15.43 -15.42
CA LYS B 80 5.98 14.52 -14.47
C LYS B 80 4.95 14.02 -13.47
N LEU B 81 4.17 14.97 -12.93
CA LEU B 81 3.14 14.59 -11.98
C LEU B 81 2.07 13.74 -12.69
N GLN B 82 1.80 14.05 -13.95
CA GLN B 82 0.78 13.35 -14.70
C GLN B 82 1.07 11.85 -14.69
N TRP B 83 2.35 11.52 -14.89
CA TRP B 83 2.77 10.14 -14.95
C TRP B 83 2.32 9.37 -13.70
N PHE B 84 2.44 10.00 -12.53
CA PHE B 84 2.02 9.36 -11.29
C PHE B 84 0.50 9.27 -11.25
N VAL B 85 -0.16 10.38 -11.59
CA VAL B 85 -1.59 10.48 -11.40
C VAL B 85 -2.31 9.49 -12.30
N GLU B 86 -1.85 9.35 -13.54
CA GLU B 86 -2.52 8.45 -14.47
C GLU B 86 -2.26 6.99 -14.11
N ARG B 87 -1.41 6.73 -13.12
CA ARG B 87 -1.18 5.37 -12.67
C ARG B 87 -1.74 5.18 -11.26
N ASN B 88 -2.55 6.13 -10.79
CA ASN B 88 -3.21 6.05 -9.50
C ASN B 88 -2.24 6.07 -8.33
N MET B 89 -0.99 6.46 -8.55
CA MET B 89 -0.02 6.46 -7.48
C MET B 89 -0.35 7.55 -6.46
N VAL B 90 -0.82 8.69 -6.95
CA VAL B 90 -1.41 9.72 -6.12
C VAL B 90 -2.68 10.19 -6.82
N ILE B 91 -3.74 10.41 -6.05
CA ILE B 91 -5.03 10.81 -6.60
C ILE B 91 -5.40 12.15 -6.00
N PRO B 92 -5.00 13.26 -6.64
CA PRO B 92 -5.28 14.58 -6.12
C PRO B 92 -6.79 14.79 -6.05
N GLU B 93 -7.24 15.26 -4.89
CA GLU B 93 -8.65 15.51 -4.63
C GLU B 93 -8.75 16.58 -3.55
N GLY B 94 -9.92 17.21 -3.46
CA GLY B 94 -10.20 18.21 -2.45
C GLY B 94 -9.17 19.34 -2.40
N ARG B 95 -8.73 19.67 -1.17
CA ARG B 95 -7.75 20.72 -0.97
C ARG B 95 -6.34 20.18 -1.21
N VAL B 96 -5.64 20.77 -2.19
CA VAL B 96 -4.32 20.30 -2.57
C VAL B 96 -3.31 21.33 -2.09
N ILE B 97 -2.31 20.89 -1.31
CA ILE B 97 -1.16 21.72 -1.00
C ILE B 97 0.03 21.28 -1.85
N ASP B 98 0.71 22.25 -2.45
CA ASP B 98 1.86 22.01 -3.32
C ASP B 98 3.09 22.72 -2.75
N LEU B 99 3.90 22.00 -1.97
CA LEU B 99 5.04 22.57 -1.28
C LEU B 99 6.25 22.58 -2.21
N GLY B 100 6.82 23.78 -2.42
CA GLY B 100 7.88 23.98 -3.40
C GLY B 100 7.33 24.04 -4.81
N CYS B 101 6.24 24.79 -5.01
CA CYS B 101 5.52 24.81 -6.28
C CYS B 101 6.38 25.40 -7.40
N GLY B 102 7.30 26.31 -7.05
CA GLY B 102 8.09 26.98 -8.06
C GLY B 102 7.18 27.67 -9.07
N ARG B 103 7.38 27.40 -10.37
CA ARG B 103 6.60 28.06 -11.42
C ARG B 103 5.14 27.66 -11.35
N GLY B 104 4.88 26.42 -10.91
CA GLY B 104 3.53 26.01 -10.62
C GLY B 104 3.03 24.83 -11.43
N GLY B 105 3.94 24.05 -12.00
CA GLY B 105 3.61 22.92 -12.85
C GLY B 105 2.66 21.91 -12.22
N TRP B 106 2.92 21.55 -10.96
CA TRP B 106 2.07 20.58 -10.28
C TRP B 106 0.72 21.18 -9.95
N SER B 107 0.70 22.46 -9.58
CA SER B 107 -0.52 23.12 -9.15
C SER B 107 -1.48 23.28 -10.32
N TYR B 108 -0.97 23.75 -11.46
CA TYR B 108 -1.81 23.98 -12.63
C TYR B 108 -2.36 22.66 -13.18
N TYR B 109 -1.55 21.60 -13.10
CA TYR B 109 -2.01 20.32 -13.58
C TYR B 109 -3.17 19.83 -12.71
N CYS B 110 -2.99 19.86 -11.39
CA CYS B 110 -4.04 19.38 -10.48
C CYS B 110 -5.30 20.23 -10.63
N ALA B 111 -5.13 21.49 -11.04
CA ALA B 111 -6.26 22.41 -11.04
C ALA B 111 -7.31 21.99 -12.07
N GLY B 112 -6.92 21.13 -13.03
CA GLY B 112 -7.86 20.69 -14.05
C GLY B 112 -8.44 19.30 -13.77
N LEU B 113 -8.08 18.70 -12.64
CA LEU B 113 -8.58 17.38 -12.27
C LEU B 113 -9.93 17.47 -11.56
N LYS B 114 -10.84 16.56 -11.93
CA LYS B 114 -12.23 16.62 -11.51
C LYS B 114 -12.38 16.67 -9.99
N LYS B 115 -11.63 15.82 -9.27
CA LYS B 115 -11.85 15.68 -7.84
C LYS B 115 -11.25 16.83 -7.02
N VAL B 116 -10.47 17.70 -7.66
CA VAL B 116 -9.74 18.73 -6.95
C VAL B 116 -10.63 19.97 -6.82
N THR B 117 -10.63 20.54 -5.61
CA THR B 117 -11.50 21.66 -5.29
C THR B 117 -10.70 22.95 -5.06
N GLU B 118 -9.43 22.84 -4.68
CA GLU B 118 -8.63 23.99 -4.31
C GLU B 118 -7.16 23.58 -4.37
N VAL B 119 -6.34 24.51 -4.86
CA VAL B 119 -4.91 24.28 -4.96
C VAL B 119 -4.16 25.47 -4.34
N ARG B 120 -3.36 25.18 -3.30
CA ARG B 120 -2.54 26.20 -2.68
C ARG B 120 -1.08 25.82 -2.84
N GLY B 121 -0.35 26.66 -3.58
CA GLY B 121 1.06 26.45 -3.85
C GLY B 121 1.93 27.43 -3.08
N TYR B 122 3.03 26.90 -2.52
CA TYR B 122 3.97 27.66 -1.71
C TYR B 122 5.37 27.45 -2.25
N THR B 123 6.07 28.56 -2.50
CA THR B 123 7.45 28.44 -2.92
C THR B 123 8.22 29.62 -2.34
N LYS B 124 9.54 29.50 -2.29
CA LYS B 124 10.38 30.48 -1.60
C LYS B 124 10.51 31.74 -2.45
N GLY B 125 10.80 31.55 -3.73
CA GLY B 125 11.16 32.66 -4.61
C GLY B 125 12.34 33.48 -4.11
N GLY B 126 12.56 34.61 -4.78
CA GLY B 126 13.68 35.48 -4.50
C GLY B 126 14.90 35.09 -5.31
N PRO B 127 16.08 35.63 -4.95
CA PRO B 127 17.33 35.28 -5.63
C PRO B 127 17.53 33.76 -5.68
N GLY B 128 17.74 33.25 -6.89
CA GLY B 128 18.12 31.87 -7.11
C GLY B 128 16.92 30.93 -7.25
N HIS B 129 15.72 31.40 -6.86
CA HIS B 129 14.60 30.49 -6.81
C HIS B 129 13.52 30.93 -7.77
N GLU B 130 12.87 29.91 -8.37
CA GLU B 130 11.83 30.10 -9.36
C GLU B 130 10.63 30.81 -8.75
N GLU B 131 10.05 31.75 -9.51
CA GLU B 131 8.86 32.47 -9.09
C GLU B 131 7.63 31.86 -9.74
N PRO B 132 6.47 31.82 -9.05
CA PRO B 132 5.24 31.34 -9.68
C PRO B 132 4.93 32.11 -10.96
N VAL B 133 4.44 31.37 -11.96
CA VAL B 133 4.10 31.93 -13.25
C VAL B 133 2.59 31.97 -13.34
N PRO B 134 1.97 33.17 -13.48
CA PRO B 134 0.51 33.26 -13.63
C PRO B 134 0.01 32.69 -14.96
N MET B 135 -1.02 31.81 -14.87
CA MET B 135 -1.56 31.16 -16.06
C MET B 135 -3.08 31.14 -16.03
N SER B 136 -3.69 30.86 -17.18
CA SER B 136 -5.13 30.76 -17.32
C SER B 136 -5.50 29.41 -17.93
N THR B 137 -4.71 28.39 -17.61
CA THR B 137 -5.01 27.03 -18.01
C THR B 137 -6.26 26.56 -17.26
N TYR B 138 -6.84 25.44 -17.70
CA TYR B 138 -8.13 25.01 -17.19
C TYR B 138 -8.12 24.87 -15.66
N GLY B 139 -9.04 25.60 -15.01
CA GLY B 139 -9.17 25.54 -13.57
C GLY B 139 -8.24 26.49 -12.82
N TRP B 140 -7.64 27.46 -13.52
CA TRP B 140 -6.71 28.38 -12.90
C TRP B 140 -7.33 29.11 -11.72
N ASN B 141 -8.65 29.30 -11.76
CA ASN B 141 -9.33 30.14 -10.78
C ASN B 141 -9.38 29.49 -9.40
N ILE B 142 -9.01 28.21 -9.28
CA ILE B 142 -8.99 27.55 -7.97
C ILE B 142 -7.57 27.42 -7.43
N VAL B 143 -6.59 28.05 -8.11
CA VAL B 143 -5.19 28.00 -7.74
C VAL B 143 -4.80 29.30 -7.05
N LYS B 144 -4.06 29.20 -5.93
CA LYS B 144 -3.37 30.36 -5.36
C LYS B 144 -1.92 29.97 -5.08
N LEU B 145 -1.00 30.57 -5.84
CA LEU B 145 0.44 30.34 -5.72
C LEU B 145 1.07 31.51 -5.00
N MET B 146 1.81 31.21 -3.91
CA MET B 146 2.31 32.23 -3.00
C MET B 146 3.82 32.11 -2.91
N SER B 147 4.49 33.21 -3.29
CA SER B 147 5.94 33.26 -3.21
C SER B 147 6.31 33.80 -1.83
N GLY B 148 7.62 33.83 -1.53
CA GLY B 148 8.14 34.26 -0.24
C GLY B 148 7.71 33.35 0.91
N LYS B 149 7.44 32.08 0.61
CA LYS B 149 7.02 31.13 1.64
C LYS B 149 8.09 30.06 1.76
N ASP B 150 8.74 30.03 2.93
CA ASP B 150 9.63 28.96 3.29
C ASP B 150 8.80 27.87 3.97
N VAL B 151 8.79 26.69 3.36
CA VAL B 151 7.88 25.65 3.82
C VAL B 151 8.30 25.17 5.22
N PHE B 152 9.56 25.38 5.57
CA PHE B 152 10.06 24.88 6.84
C PHE B 152 9.48 25.70 7.99
N TYR B 153 8.95 26.90 7.69
CA TYR B 153 8.34 27.73 8.72
C TYR B 153 6.83 27.86 8.52
N LEU B 154 6.27 27.00 7.65
CA LEU B 154 4.84 27.02 7.39
C LEU B 154 4.10 26.09 8.34
N PRO B 155 3.15 26.62 9.13
CA PRO B 155 2.33 25.76 9.98
C PRO B 155 1.58 24.76 9.09
N PRO B 156 1.59 23.46 9.45
CA PRO B 156 0.78 22.45 8.77
C PRO B 156 -0.73 22.67 8.72
N GLU B 157 -1.29 22.64 7.51
CA GLU B 157 -2.69 22.92 7.28
C GLU B 157 -3.43 21.64 6.94
N LYS B 158 -4.75 21.64 7.12
CA LYS B 158 -5.51 20.42 6.89
C LYS B 158 -5.82 20.32 5.41
N CYS B 159 -5.27 19.30 4.75
CA CYS B 159 -5.45 19.12 3.32
C CYS B 159 -5.82 17.68 3.02
N ASP B 160 -6.25 17.43 1.78
CA ASP B 160 -6.67 16.11 1.33
C ASP B 160 -5.58 15.49 0.46
N THR B 161 -4.70 16.34 -0.12
CA THR B 161 -3.57 15.93 -0.92
C THR B 161 -2.37 16.82 -0.61
N LEU B 162 -1.25 16.21 -0.21
CA LEU B 162 0.00 16.91 0.09
C LEU B 162 1.03 16.60 -0.99
N LEU B 163 1.38 17.60 -1.79
CA LEU B 163 2.45 17.42 -2.77
C LEU B 163 3.68 18.19 -2.32
N CYS B 164 4.86 17.63 -2.59
CA CYS B 164 6.11 18.31 -2.27
C CYS B 164 7.18 17.84 -3.25
N ASP B 165 7.87 18.81 -3.87
CA ASP B 165 8.84 18.57 -4.93
C ASP B 165 10.17 19.28 -4.63
N ILE B 166 10.55 19.32 -3.35
CA ILE B 166 11.74 20.05 -2.91
C ILE B 166 12.91 19.07 -2.82
N GLY B 167 14.11 19.56 -3.16
CA GLY B 167 15.33 18.79 -2.96
C GLY B 167 16.41 19.20 -3.96
N GLU B 168 17.40 19.95 -3.47
CA GLU B 168 18.45 20.48 -4.31
C GLU B 168 19.62 19.50 -4.38
N SER B 169 20.03 19.18 -5.62
CA SER B 169 21.17 18.33 -5.88
C SER B 169 22.47 18.93 -5.33
N SER B 170 23.45 18.07 -5.09
CA SER B 170 24.79 18.42 -4.66
C SER B 170 25.70 17.27 -5.06
N PRO B 171 26.99 17.50 -5.42
CA PRO B 171 27.90 16.39 -5.70
C PRO B 171 28.12 15.52 -4.46
N SER B 172 27.93 16.11 -3.28
CA SER B 172 28.12 15.41 -2.02
C SER B 172 26.82 14.71 -1.64
N PRO B 173 26.85 13.36 -1.50
CA PRO B 173 25.67 12.65 -1.03
C PRO B 173 25.35 12.92 0.43
N THR B 174 26.36 13.27 1.24
CA THR B 174 26.10 13.59 2.64
C THR B 174 25.29 14.89 2.74
N VAL B 175 25.57 15.83 1.85
CA VAL B 175 24.84 17.08 1.81
C VAL B 175 23.40 16.76 1.40
N GLU B 176 23.28 15.98 0.33
CA GLU B 176 21.97 15.57 -0.17
C GLU B 176 21.17 14.80 0.88
N GLU B 177 21.87 13.95 1.64
CA GLU B 177 21.30 13.20 2.75
C GLU B 177 20.66 14.14 3.76
N SER B 178 21.38 15.21 4.11
CA SER B 178 20.87 16.08 5.14
C SER B 178 19.67 16.88 4.63
N ARG B 179 19.76 17.38 3.39
CA ARG B 179 18.64 18.05 2.73
C ARG B 179 17.39 17.17 2.65
N THR B 180 17.60 15.87 2.37
CA THR B 180 16.50 14.94 2.23
C THR B 180 15.78 14.76 3.58
N ILE B 181 16.57 14.51 4.64
CA ILE B 181 16.01 14.30 5.97
C ILE B 181 15.23 15.53 6.42
N ARG B 182 15.74 16.72 6.09
CA ARG B 182 15.07 17.95 6.48
C ARG B 182 13.67 17.97 5.88
N VAL B 183 13.59 17.66 4.59
CA VAL B 183 12.31 17.64 3.89
C VAL B 183 11.38 16.61 4.53
N LEU B 184 11.93 15.44 4.88
CA LEU B 184 11.11 14.36 5.40
C LEU B 184 10.57 14.72 6.77
N LYS B 185 11.37 15.42 7.58
CA LYS B 185 10.92 15.87 8.89
C LYS B 185 9.79 16.89 8.72
N MET B 186 9.96 17.80 7.74
CA MET B 186 9.00 18.87 7.48
C MET B 186 7.66 18.31 7.01
N VAL B 187 7.66 17.39 6.04
CA VAL B 187 6.41 16.93 5.43
C VAL B 187 5.56 16.13 6.42
N GLU B 188 6.20 15.46 7.38
CA GLU B 188 5.53 14.45 8.18
C GLU B 188 4.26 14.99 8.82
N PRO B 189 4.29 16.13 9.55
CA PRO B 189 3.10 16.67 10.20
C PRO B 189 1.96 17.08 9.28
N TRP B 190 2.21 17.10 7.97
CA TRP B 190 1.16 17.41 7.01
C TRP B 190 0.38 16.16 6.66
N LEU B 191 0.90 14.98 7.01
CA LEU B 191 0.37 13.72 6.51
C LEU B 191 -0.57 13.12 7.55
N LYS B 192 -1.83 12.92 7.17
CA LYS B 192 -2.85 12.41 8.06
C LYS B 192 -3.90 11.74 7.19
N ASN B 193 -3.66 10.47 6.86
CA ASN B 193 -4.55 9.69 6.01
C ASN B 193 -5.04 10.54 4.83
N ASN B 194 -4.10 11.22 4.18
CA ASN B 194 -4.40 11.97 2.96
C ASN B 194 -3.63 11.34 1.80
N GLN B 195 -3.89 11.83 0.59
CA GLN B 195 -3.09 11.47 -0.57
C GLN B 195 -1.80 12.31 -0.55
N PHE B 196 -0.70 11.71 -1.01
CA PHE B 196 0.54 12.46 -1.06
C PHE B 196 1.47 12.00 -2.17
N CYS B 197 2.42 12.88 -2.49
CA CYS B 197 3.50 12.61 -3.42
C CYS B 197 4.65 13.55 -3.08
N ILE B 198 5.74 12.99 -2.53
CA ILE B 198 6.85 13.74 -1.95
C ILE B 198 8.16 13.27 -2.57
N LYS B 199 8.93 14.23 -3.08
CA LYS B 199 10.24 13.95 -3.62
C LYS B 199 11.18 13.51 -2.51
N VAL B 200 11.92 12.43 -2.80
CA VAL B 200 13.02 12.03 -1.97
C VAL B 200 14.29 12.17 -2.80
N LEU B 201 15.05 13.25 -2.53
CA LEU B 201 16.15 13.64 -3.40
C LEU B 201 17.22 12.57 -3.43
N ASN B 202 17.59 12.10 -2.23
CA ASN B 202 18.59 11.06 -2.04
C ASN B 202 17.99 9.95 -1.19
N PRO B 203 17.47 8.87 -1.81
CA PRO B 203 16.86 7.78 -1.05
C PRO B 203 17.77 6.60 -0.73
N TYR B 204 19.06 6.68 -1.11
CA TYR B 204 19.92 5.50 -0.98
C TYR B 204 20.85 5.57 0.22
N MET B 205 21.02 6.75 0.84
CA MET B 205 21.89 6.85 2.00
C MET B 205 21.24 6.15 3.18
N PRO B 206 22.01 5.36 3.97
CA PRO B 206 21.44 4.57 5.06
C PRO B 206 20.54 5.30 6.03
N THR B 207 20.88 6.54 6.40
CA THR B 207 20.07 7.24 7.39
C THR B 207 18.71 7.62 6.80
N VAL B 208 18.68 7.97 5.51
CA VAL B 208 17.42 8.28 4.85
C VAL B 208 16.53 7.05 4.78
N ILE B 209 17.10 5.91 4.37
CA ILE B 209 16.41 4.63 4.33
C ILE B 209 15.74 4.35 5.68
N GLU B 210 16.47 4.57 6.77
CA GLU B 210 15.96 4.36 8.10
C GLU B 210 14.75 5.27 8.34
N HIS B 211 14.86 6.55 7.99
CA HIS B 211 13.74 7.47 8.19
C HIS B 211 12.55 7.06 7.34
N LEU B 212 12.79 6.65 6.10
CA LEU B 212 11.72 6.27 5.19
C LEU B 212 10.99 5.04 5.70
N GLU B 213 11.75 4.15 6.32
CA GLU B 213 11.19 2.91 6.85
C GLU B 213 10.22 3.24 7.97
N ARG B 214 10.62 4.17 8.85
CA ARG B 214 9.79 4.61 9.95
C ARG B 214 8.54 5.30 9.40
N LEU B 215 8.72 6.15 8.39
CA LEU B 215 7.59 6.90 7.87
C LEU B 215 6.57 5.96 7.21
N GLN B 216 7.07 4.97 6.47
CA GLN B 216 6.21 4.03 5.77
C GLN B 216 5.41 3.22 6.78
N ARG B 217 6.04 2.87 7.91
CA ARG B 217 5.36 2.14 8.97
C ARG B 217 4.21 2.97 9.55
N LYS B 218 4.40 4.28 9.65
CA LYS B 218 3.37 5.14 10.22
C LYS B 218 2.31 5.46 9.16
N HIS B 219 2.75 5.85 7.95
CA HIS B 219 1.86 6.45 6.98
C HIS B 219 1.61 5.61 5.73
N GLY B 220 2.37 4.52 5.58
CA GLY B 220 2.21 3.66 4.42
C GLY B 220 2.87 4.25 3.16
N GLY B 221 2.29 3.96 2.00
CA GLY B 221 2.87 4.37 0.74
C GLY B 221 4.12 3.58 0.37
N MET B 222 4.76 4.02 -0.72
CA MET B 222 5.84 3.33 -1.41
C MET B 222 6.68 4.37 -2.13
N LEU B 223 7.97 4.05 -2.36
CA LEU B 223 8.84 4.84 -3.23
C LEU B 223 8.75 4.36 -4.67
N VAL B 224 8.74 5.33 -5.59
CA VAL B 224 8.60 5.05 -7.02
C VAL B 224 9.57 5.93 -7.81
N ARG B 225 10.05 5.38 -8.93
CA ARG B 225 10.92 6.05 -9.86
C ARG B 225 10.10 6.53 -11.07
N ASN B 226 10.22 7.82 -11.35
CA ASN B 226 9.51 8.38 -12.48
C ASN B 226 10.41 8.31 -13.71
N PRO B 227 9.99 7.66 -14.81
CA PRO B 227 10.83 7.55 -16.00
C PRO B 227 11.22 8.86 -16.67
N LEU B 228 10.50 9.94 -16.34
CA LEU B 228 10.80 11.27 -16.85
C LEU B 228 11.93 11.92 -16.05
N SER B 229 12.37 11.25 -14.97
CA SER B 229 13.55 11.65 -14.20
C SER B 229 14.81 11.36 -15.00
N ARG B 230 15.80 12.26 -14.88
CA ARG B 230 17.05 12.11 -15.58
C ARG B 230 17.95 11.15 -14.82
N ASN B 231 18.85 10.50 -15.54
CA ASN B 231 19.73 9.54 -14.94
C ASN B 231 20.69 10.26 -13.97
N SER B 232 20.82 11.58 -14.12
CA SER B 232 21.67 12.45 -13.33
C SER B 232 21.18 12.61 -11.88
N THR B 233 19.98 12.10 -11.57
CA THR B 233 19.46 12.22 -10.22
C THR B 233 18.85 10.88 -9.83
N HIS B 234 18.98 10.55 -8.54
CA HIS B 234 18.47 9.31 -7.98
C HIS B 234 17.13 9.56 -7.30
N GLU B 235 16.57 10.76 -7.49
CA GLU B 235 15.29 11.11 -6.88
C GLU B 235 14.25 10.00 -7.10
N MET B 236 13.52 9.71 -6.03
CA MET B 236 12.34 8.87 -6.08
C MET B 236 11.25 9.58 -5.30
N TYR B 237 10.00 9.19 -5.56
CA TYR B 237 8.88 9.88 -4.96
C TYR B 237 8.17 8.92 -4.02
N TRP B 238 7.96 9.37 -2.78
CA TRP B 238 7.17 8.66 -1.82
C TRP B 238 5.71 8.99 -2.11
N ILE B 239 4.96 8.03 -2.67
CA ILE B 239 3.57 8.21 -3.05
C ILE B 239 2.69 7.46 -2.05
N SER B 240 1.43 7.88 -1.92
CA SER B 240 0.58 7.36 -0.85
C SER B 240 0.03 5.97 -1.19
N ASN B 241 -0.28 5.73 -2.47
CA ASN B 241 -1.06 4.58 -2.88
C ASN B 241 -0.18 3.44 -3.35
N GLY B 242 0.45 2.77 -2.40
CA GLY B 242 1.32 1.65 -2.70
C GLY B 242 1.88 1.06 -1.41
N THR B 243 2.48 -0.13 -1.54
CA THR B 243 3.16 -0.83 -0.46
C THR B 243 4.42 -1.44 -1.07
N GLY B 244 5.33 -1.88 -0.21
CA GLY B 244 6.44 -2.65 -0.71
C GLY B 244 7.74 -2.35 0.05
N ASN B 245 8.82 -2.94 -0.44
CA ASN B 245 10.07 -2.86 0.29
C ASN B 245 10.86 -1.67 -0.22
N ILE B 246 11.15 -0.71 0.66
CA ILE B 246 11.82 0.51 0.23
C ILE B 246 13.26 0.22 -0.20
N VAL B 247 14.00 -0.53 0.61
CA VAL B 247 15.38 -0.90 0.26
C VAL B 247 15.42 -1.56 -1.12
N SER B 248 14.52 -2.50 -1.38
CA SER B 248 14.54 -3.27 -2.62
C SER B 248 14.33 -2.35 -3.82
N SER B 249 13.37 -1.40 -3.72
CA SER B 249 13.02 -0.49 -4.79
C SER B 249 14.17 0.48 -5.06
N VAL B 250 14.85 0.91 -3.98
CA VAL B 250 15.94 1.86 -4.08
C VAL B 250 17.11 1.17 -4.80
N ASN B 251 17.40 -0.08 -4.45
CA ASN B 251 18.48 -0.78 -5.10
C ASN B 251 18.18 -1.06 -6.57
N MET B 252 16.90 -1.22 -6.93
CA MET B 252 16.55 -1.49 -8.30
C MET B 252 16.87 -0.28 -9.18
N VAL B 253 16.58 0.90 -8.66
CA VAL B 253 16.94 2.12 -9.35
C VAL B 253 18.46 2.25 -9.43
N SER B 254 19.16 1.97 -8.33
CA SER B 254 20.61 2.06 -8.36
C SER B 254 21.17 1.15 -9.44
N ARG B 255 20.57 -0.04 -9.60
CA ARG B 255 21.05 -1.00 -10.58
C ARG B 255 20.78 -0.48 -12.00
N LEU B 256 19.59 0.07 -12.21
CA LEU B 256 19.16 0.65 -13.48
C LEU B 256 20.10 1.79 -13.89
N LEU B 257 20.44 2.64 -12.93
CA LEU B 257 21.26 3.80 -13.25
C LEU B 257 22.72 3.39 -13.48
N LEU B 258 23.23 2.44 -12.70
CA LEU B 258 24.57 1.95 -12.92
C LEU B 258 24.71 1.31 -14.29
N ASN B 259 23.73 0.48 -14.67
CA ASN B 259 23.75 -0.19 -15.96
C ASN B 259 23.70 0.84 -17.10
N ARG B 260 23.08 1.98 -16.86
CA ARG B 260 22.91 2.94 -17.93
C ARG B 260 24.20 3.71 -18.20
N PHE B 261 25.25 3.53 -17.38
CA PHE B 261 26.56 4.10 -17.70
C PHE B 261 27.16 3.36 -18.90
N THR B 262 26.94 2.05 -18.94
CA THR B 262 27.65 1.22 -19.90
C THR B 262 26.85 1.11 -21.20
N MET B 263 25.62 0.65 -21.01
CA MET B 263 24.71 0.38 -22.12
C MET B 263 24.61 1.58 -23.03
N THR B 264 25.06 1.44 -24.28
CA THR B 264 25.41 2.64 -25.00
C THR B 264 24.17 3.49 -25.26
N HIS B 265 24.48 4.78 -25.43
CA HIS B 265 23.48 5.84 -25.39
C HIS B 265 22.28 5.41 -26.22
N ARG B 266 21.12 5.57 -25.59
CA ARG B 266 19.86 5.57 -26.29
C ARG B 266 19.26 6.95 -26.16
N ARG B 267 18.89 7.56 -27.30
CA ARG B 267 18.31 8.88 -27.22
C ARG B 267 16.96 8.81 -26.50
N PRO B 268 16.60 9.85 -25.72
CA PRO B 268 15.37 9.79 -24.92
C PRO B 268 14.14 9.62 -25.80
N THR B 269 13.18 8.88 -25.28
CA THR B 269 11.88 8.69 -25.91
C THR B 269 11.10 9.99 -25.71
N ILE B 270 10.86 10.71 -26.82
CA ILE B 270 10.21 12.01 -26.75
C ILE B 270 8.72 11.80 -26.82
N GLU B 271 7.97 12.46 -25.92
CA GLU B 271 6.52 12.45 -25.99
C GLU B 271 5.96 13.85 -26.16
N LYS B 272 4.64 13.90 -26.38
CA LYS B 272 3.91 15.14 -26.41
C LYS B 272 3.71 15.65 -24.98
N ASP B 273 3.96 16.96 -24.84
CA ASP B 273 3.75 17.65 -23.58
C ASP B 273 2.25 17.74 -23.31
N VAL B 274 1.90 18.00 -22.04
CA VAL B 274 0.53 18.08 -21.59
C VAL B 274 -0.16 19.31 -22.17
N ASP B 275 -1.41 19.13 -22.59
CA ASP B 275 -2.28 20.26 -22.92
C ASP B 275 -3.17 20.53 -21.71
N LEU B 276 -2.99 21.67 -21.05
CA LEU B 276 -3.70 21.96 -19.82
C LEU B 276 -4.94 22.80 -20.07
N GLY B 277 -5.31 23.02 -21.34
CA GLY B 277 -6.59 23.65 -21.68
C GLY B 277 -6.67 25.13 -21.27
N ALA B 278 -7.90 25.61 -21.11
CA ALA B 278 -8.16 27.02 -20.82
C ALA B 278 -9.50 27.17 -20.12
N GLY B 279 -9.65 28.30 -19.40
CA GLY B 279 -10.91 28.74 -18.84
C GLY B 279 -11.07 28.44 -17.35
N THR B 280 -12.13 28.98 -16.76
CA THR B 280 -12.44 28.70 -15.36
C THR B 280 -13.13 27.34 -15.25
N ARG B 281 -13.28 26.87 -14.01
CA ARG B 281 -14.11 25.73 -13.75
C ARG B 281 -15.09 26.10 -12.64
N SAH C . -13.09 -13.21 5.52
CA SAH C . -13.77 -13.50 4.23
CB SAH C . -12.99 -14.54 3.42
CG SAH C . -12.28 -13.88 2.25
SD SAH C . -11.07 -14.90 1.38
C SAH C . -15.22 -13.95 4.45
O SAH C . -15.88 -14.41 3.51
OXT SAH C . -15.78 -13.86 5.54
C5' SAH C . -9.75 -13.71 1.05
C4' SAH C . -10.08 -12.72 -0.03
O4' SAH C . -8.98 -11.84 -0.30
C3' SAH C . -10.46 -13.32 -1.39
O3' SAH C . -11.82 -13.01 -1.68
C2' SAH C . -9.48 -12.64 -2.36
O2' SAH C . -10.01 -12.31 -3.62
C1' SAH C . -9.12 -11.37 -1.61
N9 SAH C . -7.88 -10.74 -2.03
C8 SAH C . -6.74 -11.40 -2.39
N7 SAH C . -5.76 -10.60 -2.70
C5 SAH C . -6.26 -9.33 -2.51
C6 SAH C . -5.69 -8.05 -2.66
N6 SAH C . -4.42 -7.85 -3.03
N1 SAH C . -6.45 -6.97 -2.34
C2 SAH C . -7.72 -7.19 -1.96
N3 SAH C . -8.37 -8.35 -1.81
C4 SAH C . -7.58 -9.40 -2.10
C1 QAP D . -2.32 -24.71 -2.81
O1 QAP D . -4.58 -24.11 -1.99
C2 QAP D . -1.97 -26.17 -2.61
O2 QAP D . -9.81 -24.87 1.71
C3 QAP D . -3.77 -24.47 -3.21
O3 QAP D . -9.84 -22.68 3.38
C4 QAP D . -2.76 -27.19 -3.16
O4 QAP D . -6.13 -25.75 -2.02
C5 QAP D . -0.85 -26.54 -1.89
C6 QAP D . -6.27 -23.86 1.59
C7 QAP D . -2.43 -28.52 -2.97
C8 QAP D . -0.53 -27.87 -1.69
C9 QAP D . -1.32 -28.86 -2.23
C10 QAP D . -7.47 -24.55 1.37
C11 QAP D . -6.31 -22.76 2.44
C12 QAP D . -5.05 -24.31 0.92
C13 QAP D . -8.66 -24.16 1.95
C14 QAP D . -5.29 -25.09 -1.41
C15 QAP D . -8.66 -23.05 2.80
C16 QAP D . -7.49 -22.35 3.04
C17 QAP D . -4.95 -25.27 0.00
C1 QAP E . -7.47 -24.65 -5.40
O1 QAP E . -6.52 -22.43 -5.60
C2 QAP E . -8.94 -24.93 -5.66
O2 QAP E . -7.71 -17.36 -0.48
C3 QAP E . -7.19 -23.37 -4.65
O3 QAP E . -7.78 -19.51 1.25
C4 QAP E . -9.51 -26.11 -5.19
O4 QAP E . -4.34 -22.71 -6.02
C5 QAP E . -9.74 -24.05 -6.38
C6 QAP E . -6.41 -20.05 -2.64
C7 QAP E . -10.86 -26.37 -5.43
C8 QAP E . -11.07 -24.33 -6.61
C9 QAP E . -11.63 -25.49 -6.13
C10 QAP E . -6.84 -18.79 -2.20
C11 QAP E . -6.46 -21.10 -1.74
C12 QAP E . -5.92 -20.27 -4.00
C13 QAP E . -7.29 -18.59 -0.91
C14 QAP E . -5.23 -22.16 -5.40
C15 QAP E . -7.33 -19.67 -0.03
C16 QAP E . -6.92 -20.93 -0.44
C17 QAP E . -4.99 -21.13 -4.40
N SAH F . 8.44 21.49 -10.90
CA SAH F . 7.70 21.60 -9.62
CB SAH F . 8.49 22.44 -8.61
CG SAH F . 9.74 21.75 -8.13
SD SAH F . 11.20 22.75 -8.19
C SAH F . 6.35 22.29 -9.90
O SAH F . 5.38 22.20 -9.15
OXT SAH F . 6.31 22.95 -10.93
C5' SAH F . 11.48 23.00 -6.42
C4' SAH F . 11.11 24.41 -6.03
O4' SAH F . 11.02 24.48 -4.59
C3' SAH F . 12.13 25.47 -6.46
O3' SAH F . 11.59 26.40 -7.40
C2' SAH F . 12.56 26.18 -5.16
O2' SAH F . 12.55 27.59 -5.28
C1' SAH F . 11.48 25.74 -4.17
N9 SAH F . 11.97 25.63 -2.80
C8 SAH F . 13.16 25.09 -2.40
N7 SAH F . 13.32 25.10 -1.09
C5 SAH F . 12.16 25.70 -0.62
C6 SAH F . 11.71 26.02 0.68
N6 SAH F . 12.40 25.78 1.77
N1 SAH F . 10.50 26.62 0.80
C2 SAH F . 9.80 26.86 -0.31
N3 SAH F . 10.11 26.61 -1.58
C4 SAH F . 11.32 26.02 -1.67
#